data_6CQ0
#
_entry.id   6CQ0
#
_cell.length_a   134.803
_cell.length_b   134.803
_cell.length_c   85.503
_cell.angle_alpha   90.000
_cell.angle_beta   90.000
_cell.angle_gamma   120.000
#
_symmetry.space_group_name_H-M   'P 32 2 1'
#
loop_
_entity.id
_entity.type
_entity.pdbx_description
1 polymer 'Serine/threonine-protein kinase TBK1'
2 non-polymer '2-amino-7-[3-(dimethylamino)propyl]-5-oxo-5H-[1]benzopyrano[2,3-b]pyridine-3-carboxylic acid'
#
_entity_poly.entity_id   1
_entity_poly.type   'polypeptide(L)'
_entity_poly.pdbx_seq_one_letter_code
;SNAMQSTSNHLWLLSDILGQGATANVFRGRHKKTGDLFAIKVFNNISFLRPVDVQMREFEVLKKLNHKNIVKLFAIEEET
TTRHKVLIMEFCPCGSLYTVLEEPSNAYGLPESEFLIVLRDVVGGMNHLRENGIVHRDIKPGNIMRVIGEDGQSVYKLTD
FGAARELEDDEQFVSLYGTEEYLHPDMYERAVLRKDHQKKYGATVDLWSIGVTFYHAATGSLPFRPFEGPRRNKEVMYKI
ITGKPSGAISGVQKAENGPIDWSGDMPVSCSLSRGLQVLLTPVLANILEADQEKCWGFDQFFAETSDILHRMVIHVFSLQ
QMTAHKIYIHSYNTATIFHELVYKQTKIISSNQELIYEGRRLVLEPGRLAQHFPKTTEENPIFVVSREPLNTIGLIYEKI
SLPKVHPRYDLDGDASMAKAITGVVCYACRIASTLLLYQELMRKGIRWLIELIKDDYNETVHKKTEVVITLDFCIRNIEK
TVKVYEKLMKINLEAAELGEISDIHTKLLRLSSSQGTIETSLQDIDSRLSPGGSLADAWAHQEGTHPKDRNVEKLQVLLN
CMTEIYYQFKKDKAERRLAYNEEQIHKFDKQKLYYHATKAMTHFTDECVKKYEAFLNKSEEWIRKMLHLRKQLLSLTNQC
FDIEEEVSKYQEYTNELQET
;
_entity_poly.pdbx_strand_id   A
#
# COMPACT_ATOMS: atom_id res chain seq x y z
N ALA A 3 -8.17 -42.45 23.65
CA ALA A 3 -9.33 -42.81 22.85
C ALA A 3 -9.37 -41.98 21.56
N MET A 4 -9.53 -42.66 20.43
CA MET A 4 -9.53 -41.98 19.14
C MET A 4 -10.11 -42.92 18.08
N GLN A 5 -10.62 -42.32 17.02
CA GLN A 5 -11.17 -43.08 15.90
C GLN A 5 -10.08 -43.33 14.85
N SER A 6 -10.29 -44.38 14.05
CA SER A 6 -9.30 -44.80 13.07
C SER A 6 -10.02 -45.29 11.82
N THR A 7 -9.21 -45.57 10.79
CA THR A 7 -9.69 -46.11 9.52
C THR A 7 -8.68 -47.14 9.04
N SER A 8 -8.90 -47.69 7.85
CA SER A 8 -7.96 -48.65 7.28
C SER A 8 -6.64 -48.00 6.90
N ASN A 9 -6.62 -46.69 6.66
CA ASN A 9 -5.42 -45.99 6.25
C ASN A 9 -5.09 -44.75 7.07
N HIS A 10 -6.02 -44.25 7.89
CA HIS A 10 -5.80 -43.01 8.62
C HIS A 10 -6.28 -43.16 10.06
N LEU A 11 -5.81 -42.26 10.91
CA LEU A 11 -6.22 -42.20 12.31
C LEU A 11 -6.04 -40.78 12.81
N TRP A 12 -6.89 -40.39 13.75
CA TRP A 12 -6.90 -39.01 14.24
C TRP A 12 -7.34 -38.99 15.70
N LEU A 13 -6.77 -38.05 16.45
CA LEU A 13 -7.15 -37.83 17.83
C LEU A 13 -8.30 -36.84 17.89
N LEU A 14 -9.22 -37.05 18.85
CA LEU A 14 -10.34 -36.13 19.02
C LEU A 14 -9.88 -34.81 19.61
N SER A 15 -8.72 -34.76 20.26
CA SER A 15 -8.22 -33.50 20.81
C SER A 15 -7.70 -32.60 19.69
N ASP A 16 -7.10 -33.17 18.66
CA ASP A 16 -6.61 -32.41 17.51
C ASP A 16 -7.77 -32.11 16.54
N ILE A 17 -8.73 -31.35 17.06
CA ILE A 17 -9.90 -30.95 16.28
C ILE A 17 -9.61 -29.61 15.62
N LEU A 18 -9.96 -29.49 14.34
CA LEU A 18 -9.72 -28.26 13.60
C LEU A 18 -10.98 -27.41 13.52
N GLY A 19 -11.86 -27.74 12.57
CA GLY A 19 -13.11 -27.02 12.37
C GLY A 19 -14.27 -27.85 12.89
N GLN A 20 -15.27 -27.16 13.46
CA GLN A 20 -16.45 -27.81 14.01
C GLN A 20 -17.68 -27.11 13.44
N GLY A 21 -18.37 -27.78 12.51
CA GLY A 21 -19.54 -27.23 11.86
C GLY A 21 -20.79 -28.04 12.15
N ALA A 22 -21.87 -27.64 11.48
CA ALA A 22 -23.16 -28.30 11.69
C ALA A 22 -23.21 -29.65 10.98
N THR A 23 -22.65 -29.73 9.77
CA THR A 23 -22.69 -30.98 9.02
C THR A 23 -21.75 -32.01 9.61
N ALA A 24 -20.50 -31.63 9.85
CA ALA A 24 -19.49 -32.57 10.31
C ALA A 24 -18.38 -31.79 11.03
N ASN A 25 -17.39 -32.53 11.53
CA ASN A 25 -16.22 -31.97 12.16
C ASN A 25 -14.97 -32.49 11.46
N VAL A 26 -13.95 -31.64 11.36
CA VAL A 26 -12.72 -31.96 10.66
C VAL A 26 -11.60 -32.10 11.69
N PHE A 27 -10.96 -33.27 11.70
CA PHE A 27 -9.88 -33.57 12.65
C PHE A 27 -8.54 -33.57 11.94
N ARG A 28 -7.49 -33.31 12.71
CA ARG A 28 -6.11 -33.38 12.23
C ARG A 28 -5.62 -34.80 12.41
N GLY A 29 -5.45 -35.53 11.30
CA GLY A 29 -5.09 -36.92 11.34
C GLY A 29 -3.87 -37.22 10.48
N ARG A 30 -3.35 -38.42 10.64
CA ARG A 30 -2.16 -38.88 9.93
C ARG A 30 -2.49 -40.18 9.19
N HIS A 31 -1.59 -40.56 8.29
CA HIS A 31 -1.72 -41.80 7.53
C HIS A 31 -1.04 -42.94 8.28
N LYS A 32 -1.63 -44.13 8.17
CA LYS A 32 -1.16 -45.30 8.90
C LYS A 32 0.12 -45.89 8.32
N LYS A 33 0.46 -45.56 7.08
CA LYS A 33 1.62 -46.15 6.43
C LYS A 33 2.73 -45.16 6.12
N THR A 34 2.42 -43.87 6.00
CA THR A 34 3.41 -42.85 5.65
C THR A 34 3.70 -41.86 6.77
N GLY A 35 2.71 -41.55 7.60
CA GLY A 35 2.87 -40.54 8.62
C GLY A 35 2.55 -39.13 8.18
N ASP A 36 2.21 -38.94 6.90
CA ASP A 36 1.86 -37.62 6.41
C ASP A 36 0.55 -37.14 7.03
N LEU A 37 0.45 -35.84 7.27
CA LEU A 37 -0.72 -35.27 7.90
C LEU A 37 -1.81 -34.99 6.87
N PHE A 38 -3.04 -35.32 7.22
CA PHE A 38 -4.20 -35.09 6.36
C PHE A 38 -5.32 -34.47 7.15
N ALA A 39 -6.26 -33.88 6.43
CA ALA A 39 -7.47 -33.30 7.01
C ALA A 39 -8.59 -34.33 6.92
N ILE A 40 -8.93 -34.93 8.06
CA ILE A 40 -9.94 -35.99 8.13
C ILE A 40 -11.28 -35.37 8.49
N LYS A 41 -12.29 -35.61 7.66
CA LYS A 41 -13.62 -35.06 7.85
C LYS A 41 -14.57 -36.23 8.16
N VAL A 42 -15.11 -36.26 9.37
CA VAL A 42 -15.96 -37.35 9.83
C VAL A 42 -17.39 -36.85 9.89
N PHE A 43 -18.29 -37.54 9.19
CA PHE A 43 -19.70 -37.15 9.15
C PHE A 43 -20.37 -37.30 10.51
N VAL A 54 -25.77 -41.59 -4.52
CA VAL A 54 -25.72 -40.18 -4.84
C VAL A 54 -24.40 -39.58 -4.35
N GLN A 55 -23.97 -40.00 -3.16
CA GLN A 55 -22.71 -39.50 -2.60
C GLN A 55 -21.50 -40.12 -3.28
N MET A 56 -21.57 -41.43 -3.57
CA MET A 56 -20.44 -42.12 -4.20
C MET A 56 -20.11 -41.57 -5.58
N ARG A 57 -21.05 -40.86 -6.21
CA ARG A 57 -20.80 -40.27 -7.52
C ARG A 57 -20.34 -38.82 -7.41
N GLU A 58 -20.97 -38.03 -6.55
CA GLU A 58 -20.62 -36.63 -6.38
C GLU A 58 -19.34 -36.43 -5.58
N PHE A 59 -18.82 -37.48 -4.93
CA PHE A 59 -17.55 -37.38 -4.22
C PHE A 59 -16.38 -37.77 -5.10
N GLU A 60 -16.54 -38.79 -5.94
CA GLU A 60 -15.46 -39.18 -6.85
C GLU A 60 -15.22 -38.13 -7.93
N VAL A 61 -16.25 -37.34 -8.26
CA VAL A 61 -16.06 -36.26 -9.21
C VAL A 61 -15.27 -35.11 -8.58
N LEU A 62 -15.27 -35.01 -7.25
CA LEU A 62 -14.45 -34.02 -6.56
C LEU A 62 -13.01 -34.48 -6.38
N LYS A 63 -12.72 -35.77 -6.60
CA LYS A 63 -11.35 -36.25 -6.53
C LYS A 63 -10.53 -35.74 -7.72
N LYS A 64 -11.09 -35.82 -8.93
CA LYS A 64 -10.35 -35.40 -10.11
C LYS A 64 -10.14 -33.89 -10.15
N LEU A 65 -10.90 -33.13 -9.36
CA LEU A 65 -10.72 -31.68 -9.28
C LEU A 65 -9.32 -31.35 -8.78
N ASN A 66 -8.43 -30.98 -9.70
CA ASN A 66 -7.05 -30.65 -9.39
C ASN A 66 -6.80 -29.20 -9.80
N HIS A 67 -6.55 -28.33 -8.81
CA HIS A 67 -6.27 -26.93 -9.08
C HIS A 67 -5.48 -26.36 -7.92
N LYS A 68 -4.70 -25.32 -8.20
CA LYS A 68 -3.86 -24.71 -7.18
C LYS A 68 -4.70 -24.05 -6.09
N ASN A 69 -5.88 -23.52 -6.45
CA ASN A 69 -6.72 -22.80 -5.51
C ASN A 69 -7.90 -23.64 -5.00
N ILE A 70 -7.76 -24.96 -5.02
CA ILE A 70 -8.80 -25.87 -4.56
C ILE A 70 -8.16 -26.94 -3.69
N VAL A 71 -8.74 -27.16 -2.51
CA VAL A 71 -8.25 -28.21 -1.61
C VAL A 71 -8.49 -29.56 -2.27
N LYS A 72 -7.42 -30.35 -2.40
CA LYS A 72 -7.51 -31.64 -3.08
C LYS A 72 -8.20 -32.66 -2.18
N LEU A 73 -9.30 -33.23 -2.68
CA LEU A 73 -9.97 -34.34 -2.00
C LEU A 73 -9.29 -35.63 -2.40
N PHE A 74 -8.51 -36.21 -1.49
CA PHE A 74 -7.67 -37.36 -1.84
C PHE A 74 -8.51 -38.61 -2.01
N ALA A 75 -9.17 -39.06 -0.94
CA ALA A 75 -9.91 -40.31 -0.99
C ALA A 75 -11.10 -40.25 -0.04
N ILE A 76 -11.97 -41.24 -0.16
CA ILE A 76 -13.15 -41.38 0.68
C ILE A 76 -13.10 -42.77 1.32
N GLU A 77 -12.98 -42.81 2.64
CA GLU A 77 -12.90 -44.05 3.39
C GLU A 77 -14.01 -44.10 4.43
N GLU A 78 -14.25 -45.29 4.96
CA GLU A 78 -15.28 -45.52 5.96
C GLU A 78 -14.65 -45.86 7.30
N GLU A 79 -15.09 -45.19 8.36
CA GLU A 79 -14.52 -45.36 9.67
C GLU A 79 -14.72 -46.80 10.17
N THR A 80 -13.93 -47.17 11.18
CA THR A 80 -13.94 -48.55 11.66
C THR A 80 -15.10 -48.81 12.61
N THR A 81 -15.28 -47.94 13.61
CA THR A 81 -16.27 -48.21 14.65
C THR A 81 -17.69 -47.89 14.18
N THR A 82 -17.89 -46.69 13.64
CA THR A 82 -19.23 -46.24 13.26
C THR A 82 -19.53 -46.41 11.77
N ARG A 83 -18.54 -46.80 10.97
CA ARG A 83 -18.71 -46.97 9.52
C ARG A 83 -19.22 -45.70 8.87
N HIS A 84 -18.79 -44.55 9.39
CA HIS A 84 -19.16 -43.26 8.81
C HIS A 84 -18.26 -42.94 7.63
N LYS A 85 -18.84 -42.30 6.62
CA LYS A 85 -18.07 -41.87 5.46
C LYS A 85 -17.09 -40.79 5.87
N VAL A 86 -15.80 -41.03 5.66
CA VAL A 86 -14.74 -40.13 6.05
C VAL A 86 -14.06 -39.59 4.80
N LEU A 87 -13.90 -38.26 4.73
CA LEU A 87 -13.23 -37.61 3.62
C LEU A 87 -11.80 -37.31 4.01
N ILE A 88 -10.85 -37.75 3.18
CA ILE A 88 -9.44 -37.47 3.38
C ILE A 88 -9.08 -36.27 2.51
N MET A 89 -8.91 -35.11 3.13
CA MET A 89 -8.66 -33.88 2.40
C MET A 89 -7.26 -33.37 2.67
N GLU A 90 -6.85 -32.39 1.87
CA GLU A 90 -5.53 -31.78 2.03
C GLU A 90 -5.48 -30.96 3.31
N PHE A 91 -4.42 -31.18 4.11
CA PHE A 91 -4.21 -30.48 5.36
C PHE A 91 -3.55 -29.13 5.12
N CYS A 92 -4.12 -28.07 5.70
CA CYS A 92 -3.65 -26.69 5.52
C CYS A 92 -3.19 -26.16 6.87
N PRO A 93 -1.91 -26.31 7.23
CA PRO A 93 -1.49 -25.99 8.60
C PRO A 93 -1.65 -24.53 9.01
N CYS A 94 -1.78 -23.61 8.06
CA CYS A 94 -1.89 -22.19 8.39
C CYS A 94 -3.31 -21.77 8.77
N GLY A 95 -4.30 -22.63 8.57
CA GLY A 95 -5.67 -22.29 8.90
C GLY A 95 -6.40 -21.66 7.72
N SER A 96 -7.50 -20.99 8.04
CA SER A 96 -8.34 -20.36 7.04
C SER A 96 -8.05 -18.86 6.97
N LEU A 97 -8.67 -18.21 5.98
CA LEU A 97 -8.51 -16.76 5.85
C LEU A 97 -9.05 -16.03 7.06
N TYR A 98 -10.08 -16.57 7.72
CA TYR A 98 -10.58 -15.97 8.95
C TYR A 98 -9.52 -15.98 10.03
N THR A 99 -8.76 -17.08 10.13
CA THR A 99 -7.67 -17.14 11.09
C THR A 99 -6.62 -16.07 10.79
N VAL A 100 -6.35 -15.81 9.52
CA VAL A 100 -5.39 -14.78 9.14
C VAL A 100 -5.89 -13.40 9.53
N LEU A 101 -7.20 -13.15 9.35
CA LEU A 101 -7.76 -11.86 9.69
C LEU A 101 -7.91 -11.65 11.19
N GLU A 102 -7.80 -12.70 12.00
CA GLU A 102 -7.88 -12.55 13.45
C GLU A 102 -6.59 -12.03 14.05
N GLU A 103 -5.48 -12.08 13.32
CA GLU A 103 -4.21 -11.59 13.87
C GLU A 103 -4.24 -10.07 13.96
N PRO A 104 -3.62 -9.49 14.99
CA PRO A 104 -3.68 -8.03 15.14
C PRO A 104 -3.01 -7.26 14.02
N SER A 105 -2.02 -7.86 13.35
CA SER A 105 -1.36 -7.18 12.25
C SER A 105 -2.30 -6.94 11.08
N ASN A 106 -3.32 -7.79 10.94
CA ASN A 106 -4.33 -7.64 9.90
C ASN A 106 -5.66 -7.15 10.47
N ALA A 107 -5.65 -6.49 11.62
CA ALA A 107 -6.88 -6.00 12.21
C ALA A 107 -7.47 -4.85 11.40
N TYR A 108 -6.63 -4.07 10.73
CA TYR A 108 -7.08 -2.96 9.89
C TYR A 108 -6.83 -3.24 8.41
N GLY A 109 -6.67 -4.50 8.04
CA GLY A 109 -6.50 -4.87 6.64
C GLY A 109 -5.27 -5.72 6.40
N LEU A 110 -5.34 -6.56 5.38
CA LEU A 110 -4.20 -7.39 5.00
C LEU A 110 -3.10 -6.53 4.38
N PRO A 111 -1.87 -7.02 4.37
CA PRO A 111 -0.82 -6.35 3.58
C PRO A 111 -1.20 -6.33 2.11
N GLU A 112 -0.70 -5.31 1.40
CA GLU A 112 -1.10 -5.11 0.02
C GLU A 112 -0.66 -6.27 -0.87
N SER A 113 0.53 -6.82 -0.62
CA SER A 113 0.98 -7.98 -1.39
C SER A 113 0.17 -9.21 -1.03
N GLU A 114 -0.13 -9.40 0.26
CA GLU A 114 -0.95 -10.52 0.67
C GLU A 114 -2.37 -10.41 0.14
N PHE A 115 -2.88 -9.18 0.00
CA PHE A 115 -4.23 -8.98 -0.52
C PHE A 115 -4.32 -9.39 -2.00
N LEU A 116 -3.25 -9.17 -2.76
CA LEU A 116 -3.26 -9.57 -4.17
C LEU A 116 -3.24 -11.09 -4.31
N ILE A 117 -2.59 -11.78 -3.38
CA ILE A 117 -2.56 -13.25 -3.44
C ILE A 117 -3.94 -13.82 -3.19
N VAL A 118 -4.69 -13.22 -2.26
CA VAL A 118 -6.04 -13.68 -1.97
C VAL A 118 -6.94 -13.51 -3.19
N LEU A 119 -6.90 -12.31 -3.79
CA LEU A 119 -7.75 -12.04 -4.94
C LEU A 119 -7.39 -12.94 -6.12
N ARG A 120 -6.10 -13.21 -6.30
CA ARG A 120 -5.68 -14.07 -7.41
C ARG A 120 -6.14 -15.50 -7.21
N ASP A 121 -6.05 -16.01 -5.98
CA ASP A 121 -6.45 -17.40 -5.73
C ASP A 121 -7.96 -17.54 -5.73
N VAL A 122 -8.68 -16.59 -5.14
CA VAL A 122 -10.13 -16.68 -5.09
C VAL A 122 -10.73 -16.63 -6.49
N VAL A 123 -10.27 -15.68 -7.31
CA VAL A 123 -10.76 -15.58 -8.67
C VAL A 123 -10.32 -16.79 -9.49
N GLY A 124 -9.05 -17.20 -9.35
CA GLY A 124 -8.55 -18.36 -10.07
C GLY A 124 -9.19 -19.67 -9.64
N GLY A 125 -9.72 -19.74 -8.42
CA GLY A 125 -10.35 -20.94 -7.93
C GLY A 125 -11.79 -21.07 -8.39
N MET A 126 -12.57 -19.99 -8.25
CA MET A 126 -13.96 -20.02 -8.68
C MET A 126 -14.08 -20.12 -10.19
N ASN A 127 -13.14 -19.55 -10.94
CA ASN A 127 -13.15 -19.69 -12.39
C ASN A 127 -13.02 -21.15 -12.80
N HIS A 128 -12.16 -21.90 -12.11
CA HIS A 128 -12.05 -23.33 -12.38
C HIS A 128 -13.30 -24.08 -11.94
N LEU A 129 -13.98 -23.58 -10.90
CA LEU A 129 -15.24 -24.20 -10.49
C LEU A 129 -16.36 -23.89 -11.48
N ARG A 130 -16.36 -22.70 -12.07
CA ARG A 130 -17.38 -22.37 -13.06
C ARG A 130 -17.14 -23.13 -14.36
N GLU A 131 -15.89 -23.42 -14.69
CA GLU A 131 -15.61 -24.26 -15.87
C GLU A 131 -16.17 -25.66 -15.70
N ASN A 132 -16.28 -26.13 -14.45
CA ASN A 132 -16.88 -27.43 -14.16
C ASN A 132 -18.33 -27.33 -13.74
N GLY A 133 -18.79 -26.15 -13.35
CA GLY A 133 -20.19 -25.95 -13.02
C GLY A 133 -20.55 -26.23 -11.57
N ILE A 134 -19.81 -25.62 -10.65
CA ILE A 134 -20.06 -25.77 -9.21
C ILE A 134 -20.27 -24.38 -8.62
N VAL A 135 -21.44 -24.15 -8.04
CA VAL A 135 -21.76 -22.89 -7.38
C VAL A 135 -21.37 -23.00 -5.92
N HIS A 136 -20.63 -22.00 -5.43
CA HIS A 136 -20.13 -22.04 -4.06
C HIS A 136 -21.17 -21.60 -3.03
N ARG A 137 -22.14 -20.78 -3.45
CA ARG A 137 -23.21 -20.28 -2.59
C ARG A 137 -22.68 -19.48 -1.41
N ASP A 138 -21.89 -20.11 -0.54
CA ASP A 138 -21.31 -19.46 0.63
C ASP A 138 -19.80 -19.35 0.44
N ILE A 139 -19.30 -18.13 0.34
CA ILE A 139 -17.87 -17.85 0.18
C ILE A 139 -17.48 -16.85 1.26
N LYS A 140 -16.85 -17.33 2.32
CA LYS A 140 -16.40 -16.51 3.43
C LYS A 140 -14.94 -16.84 3.72
N PRO A 141 -14.27 -15.99 4.53
CA PRO A 141 -12.89 -16.33 4.94
C PRO A 141 -12.77 -17.68 5.62
N GLY A 142 -13.85 -18.22 6.18
CA GLY A 142 -13.80 -19.56 6.76
C GLY A 142 -13.75 -20.67 5.73
N ASN A 143 -14.18 -20.40 4.51
CA ASN A 143 -14.17 -21.37 3.42
C ASN A 143 -12.91 -21.27 2.56
N ILE A 144 -11.97 -20.41 2.92
CA ILE A 144 -10.75 -20.19 2.15
C ILE A 144 -9.58 -20.55 3.06
N MET A 145 -8.91 -21.65 2.75
CA MET A 145 -7.77 -22.10 3.52
C MET A 145 -6.49 -21.44 3.02
N ARG A 146 -5.43 -21.55 3.82
CA ARG A 146 -4.13 -20.97 3.49
C ARG A 146 -3.05 -22.02 3.61
N VAL A 147 -2.26 -22.17 2.53
CA VAL A 147 -1.15 -23.12 2.48
C VAL A 147 0.09 -22.36 2.05
N ILE A 148 1.22 -22.65 2.69
CA ILE A 148 2.49 -22.06 2.31
C ILE A 148 3.03 -22.81 1.10
N GLY A 149 3.27 -22.10 0.01
CA GLY A 149 3.78 -22.71 -1.20
C GLY A 149 5.25 -23.06 -1.08
N GLU A 150 5.75 -23.69 -2.14
CA GLU A 150 7.15 -24.10 -2.18
C GLU A 150 8.12 -22.92 -2.21
N ASP A 151 7.61 -21.73 -2.54
CA ASP A 151 8.44 -20.53 -2.61
C ASP A 151 8.31 -19.65 -1.37
N GLY A 152 7.43 -19.99 -0.44
CA GLY A 152 7.25 -19.23 0.77
C GLY A 152 6.03 -18.32 0.78
N GLN A 153 5.49 -18.00 -0.40
CA GLN A 153 4.29 -17.19 -0.47
C GLN A 153 3.05 -18.02 -0.19
N SER A 154 2.02 -17.36 0.32
CA SER A 154 0.80 -18.06 0.68
C SER A 154 0.06 -18.54 -0.57
N VAL A 155 -0.69 -19.63 -0.40
CA VAL A 155 -1.54 -20.17 -1.45
C VAL A 155 -2.90 -20.45 -0.83
N TYR A 156 -3.94 -19.80 -1.34
CA TYR A 156 -5.29 -19.92 -0.81
C TYR A 156 -6.12 -20.87 -1.65
N LYS A 157 -6.91 -21.70 -0.97
CA LYS A 157 -7.70 -22.74 -1.62
C LYS A 157 -9.11 -22.75 -1.07
N LEU A 158 -10.06 -23.16 -1.91
CA LEU A 158 -11.43 -23.39 -1.50
C LEU A 158 -11.62 -24.86 -1.13
N THR A 159 -12.59 -25.12 -0.26
CA THR A 159 -12.74 -26.47 0.28
C THR A 159 -14.19 -26.88 0.53
N ASP A 160 -14.96 -26.04 1.21
CA ASP A 160 -16.29 -26.41 1.69
C ASP A 160 -17.33 -25.89 0.69
N PHE A 161 -17.81 -26.79 -0.17
CA PHE A 161 -18.89 -26.48 -1.10
C PHE A 161 -19.68 -27.77 -1.38
N GLY A 162 -20.39 -28.23 -0.36
CA GLY A 162 -21.31 -29.35 -0.46
C GLY A 162 -22.36 -29.17 0.62
N ALA A 163 -23.44 -29.94 0.52
CA ALA A 163 -24.54 -29.81 1.48
C ALA A 163 -25.08 -31.17 1.90
N GLY A 178 -25.68 -19.75 3.77
CA GLY A 178 -24.41 -20.23 4.27
C GLY A 178 -24.01 -19.60 5.59
N THR A 179 -23.58 -18.33 5.52
CA THR A 179 -23.17 -17.58 6.70
C THR A 179 -24.02 -16.32 6.80
N GLU A 180 -24.31 -15.92 8.04
CA GLU A 180 -25.28 -14.85 8.29
C GLU A 180 -24.77 -13.51 7.76
N GLU A 181 -23.48 -13.21 7.92
CA GLU A 181 -22.96 -11.91 7.53
C GLU A 181 -22.69 -11.81 6.02
N TYR A 182 -22.61 -12.94 5.32
CA TYR A 182 -22.25 -12.97 3.90
C TYR A 182 -23.42 -13.45 3.04
N LEU A 183 -24.62 -12.98 3.33
CA LEU A 183 -25.81 -13.37 2.59
C LEU A 183 -26.29 -12.25 1.68
N HIS A 184 -26.82 -12.64 0.53
CA HIS A 184 -27.47 -11.72 -0.38
C HIS A 184 -28.81 -11.26 0.20
N PRO A 185 -29.18 -10.00 -0.03
CA PRO A 185 -30.47 -9.51 0.52
C PRO A 185 -31.67 -10.36 0.13
N ASP A 186 -31.71 -10.86 -1.11
CA ASP A 186 -32.79 -11.75 -1.50
C ASP A 186 -32.66 -13.12 -0.85
N MET A 187 -31.41 -13.59 -0.66
CA MET A 187 -31.18 -14.84 0.04
C MET A 187 -31.23 -14.68 1.56
N TYR A 188 -31.12 -13.44 2.06
CA TYR A 188 -31.16 -13.22 3.50
C TYR A 188 -32.51 -13.56 4.10
N GLU A 189 -33.58 -13.44 3.32
CA GLU A 189 -34.93 -13.73 3.80
C GLU A 189 -35.12 -15.22 4.02
N ASP A 206 -24.36 -14.77 -5.82
CA ASP A 206 -23.11 -15.49 -5.63
C ASP A 206 -21.95 -14.52 -5.44
N LEU A 207 -21.94 -13.44 -6.22
CA LEU A 207 -20.89 -12.44 -6.15
C LEU A 207 -20.99 -11.54 -4.93
N TRP A 208 -22.03 -11.70 -4.11
CA TRP A 208 -22.20 -10.83 -2.94
C TRP A 208 -21.16 -11.15 -1.88
N SER A 209 -21.10 -12.40 -1.44
CA SER A 209 -20.15 -12.79 -0.40
C SER A 209 -18.71 -12.60 -0.81
N ILE A 210 -18.44 -12.54 -2.12
CA ILE A 210 -17.08 -12.29 -2.59
C ILE A 210 -16.68 -10.84 -2.34
N GLY A 211 -17.63 -9.91 -2.54
CA GLY A 211 -17.35 -8.52 -2.26
C GLY A 211 -17.22 -8.21 -0.78
N VAL A 212 -17.95 -8.95 0.06
CA VAL A 212 -17.83 -8.76 1.50
C VAL A 212 -16.50 -9.31 2.00
N THR A 213 -16.04 -10.41 1.40
CA THR A 213 -14.76 -10.98 1.80
C THR A 213 -13.60 -10.07 1.40
N PHE A 214 -13.64 -9.52 0.19
CA PHE A 214 -12.58 -8.62 -0.25
C PHE A 214 -12.55 -7.34 0.57
N TYR A 215 -13.72 -6.79 0.88
CA TYR A 215 -13.77 -5.61 1.74
C TYR A 215 -13.24 -5.93 3.13
N HIS A 216 -13.59 -7.10 3.67
CA HIS A 216 -13.09 -7.50 4.98
C HIS A 216 -11.58 -7.70 4.96
N ALA A 217 -11.06 -8.27 3.87
CA ALA A 217 -9.62 -8.48 3.77
C ALA A 217 -8.86 -7.19 3.54
N ALA A 218 -9.51 -6.15 3.02
CA ALA A 218 -8.84 -4.89 2.73
C ALA A 218 -8.94 -3.89 3.87
N THR A 219 -10.03 -3.90 4.63
CA THR A 219 -10.22 -2.95 5.72
C THR A 219 -10.05 -3.57 7.10
N GLY A 220 -10.08 -4.89 7.22
CA GLY A 220 -10.05 -5.54 8.51
C GLY A 220 -11.37 -5.50 9.26
N SER A 221 -12.43 -5.01 8.63
CA SER A 221 -13.74 -4.92 9.26
C SER A 221 -14.82 -5.24 8.23
N LEU A 222 -16.04 -5.40 8.72
CA LEU A 222 -17.17 -5.72 7.85
C LEU A 222 -17.71 -4.46 7.18
N PRO A 223 -18.31 -4.59 6.00
CA PRO A 223 -18.84 -3.40 5.31
C PRO A 223 -20.14 -2.88 5.91
N PHE A 224 -20.98 -3.79 6.41
CA PHE A 224 -22.30 -3.43 6.94
C PHE A 224 -22.37 -3.90 8.38
N ARG A 225 -22.11 -3.00 9.32
CA ARG A 225 -22.09 -3.32 10.74
C ARG A 225 -23.07 -2.44 11.49
N PRO A 226 -24.07 -2.99 12.18
CA PRO A 226 -24.90 -2.16 13.05
C PRO A 226 -24.13 -1.69 14.28
N PHE A 227 -24.84 -1.22 15.30
CA PHE A 227 -24.18 -0.76 16.52
C PHE A 227 -23.77 -1.94 17.40
N GLU A 228 -24.75 -2.76 17.82
CA GLU A 228 -24.46 -3.88 18.71
C GLU A 228 -24.12 -5.13 17.92
N GLY A 229 -23.60 -4.95 16.70
CA GLY A 229 -23.22 -6.06 15.87
C GLY A 229 -24.41 -6.78 15.28
N PRO A 230 -24.18 -7.56 14.23
CA PRO A 230 -25.26 -8.31 13.60
C PRO A 230 -25.81 -9.43 14.49
N ARG A 231 -26.48 -9.06 15.58
CA ARG A 231 -27.10 -10.03 16.47
C ARG A 231 -28.56 -9.64 16.74
N ARG A 232 -28.79 -8.93 17.84
CA ARG A 232 -30.13 -8.41 18.09
C ARG A 232 -30.51 -7.35 17.07
N ASN A 233 -29.53 -6.60 16.58
CA ASN A 233 -29.75 -5.66 15.47
C ASN A 233 -29.75 -6.36 14.11
N LYS A 234 -30.30 -7.58 14.05
CA LYS A 234 -30.33 -8.30 12.78
C LYS A 234 -31.33 -7.67 11.82
N GLU A 235 -32.45 -7.15 12.34
CA GLU A 235 -33.39 -6.43 11.49
C GLU A 235 -32.78 -5.13 10.97
N VAL A 236 -31.87 -4.53 11.75
CA VAL A 236 -31.13 -3.38 11.25
C VAL A 236 -30.15 -3.80 10.17
N MET A 237 -29.56 -4.99 10.31
CA MET A 237 -28.65 -5.49 9.28
C MET A 237 -29.38 -5.67 7.96
N TYR A 238 -30.61 -6.20 7.99
CA TYR A 238 -31.39 -6.34 6.77
C TYR A 238 -31.82 -4.99 6.22
N LYS A 239 -32.10 -4.02 7.11
CA LYS A 239 -32.44 -2.68 6.64
C LYS A 239 -31.24 -1.99 6.03
N ILE A 240 -30.03 -2.30 6.50
CA ILE A 240 -28.82 -1.71 5.93
C ILE A 240 -28.60 -2.21 4.50
N ILE A 241 -28.83 -3.50 4.27
CA ILE A 241 -28.61 -4.06 2.94
C ILE A 241 -29.71 -3.60 1.98
N THR A 242 -30.96 -3.57 2.44
CA THR A 242 -32.05 -3.11 1.60
C THR A 242 -32.01 -1.61 1.36
N GLY A 243 -31.17 -0.87 2.09
CA GLY A 243 -30.96 0.53 1.78
C GLY A 243 -30.28 0.78 0.46
N LYS A 244 -29.62 -0.24 -0.10
CA LYS A 244 -28.93 -0.31 -1.39
C LYS A 244 -28.53 1.06 -1.94
N PRO A 245 -27.49 1.68 -1.40
CA PRO A 245 -27.02 2.96 -1.94
C PRO A 245 -26.23 2.85 -3.23
N SER A 246 -26.25 1.68 -3.87
CA SER A 246 -25.58 1.45 -5.16
C SER A 246 -24.08 1.71 -5.08
N GLY A 247 -23.68 2.97 -5.26
CA GLY A 247 -22.26 3.29 -5.32
C GLY A 247 -21.52 3.09 -4.00
N ALA A 248 -22.21 3.30 -2.89
CA ALA A 248 -21.56 3.14 -1.59
C ALA A 248 -21.34 1.68 -1.25
N ILE A 249 -20.31 1.43 -0.46
CA ILE A 249 -19.92 0.06 -0.09
C ILE A 249 -19.90 -0.16 1.41
N SER A 250 -20.04 0.88 2.23
CA SER A 250 -19.95 0.77 3.67
C SER A 250 -21.19 1.33 4.33
N GLY A 251 -21.47 0.84 5.54
CA GLY A 251 -22.59 1.32 6.31
C GLY A 251 -22.40 1.08 7.79
N VAL A 252 -21.91 2.08 8.51
CA VAL A 252 -21.54 1.96 9.91
C VAL A 252 -22.58 2.68 10.76
N GLN A 253 -23.21 1.96 11.69
CA GLN A 253 -24.16 2.53 12.63
C GLN A 253 -23.41 2.79 13.93
N LYS A 254 -22.91 4.01 14.08
CA LYS A 254 -22.08 4.38 15.22
C LYS A 254 -22.88 4.74 16.46
N ALA A 255 -24.20 4.52 16.45
CA ALA A 255 -25.04 4.81 17.61
C ALA A 255 -26.17 3.80 17.65
N GLU A 256 -26.60 3.44 18.85
CA GLU A 256 -27.68 2.48 19.01
C GLU A 256 -28.98 3.02 18.43
N ASN A 257 -29.53 2.31 17.46
CA ASN A 257 -30.73 2.73 16.74
C ASN A 257 -30.55 4.11 16.10
N GLY A 258 -29.33 4.44 15.70
CA GLY A 258 -29.04 5.71 15.09
C GLY A 258 -29.05 5.64 13.58
N PRO A 259 -28.29 6.53 12.93
CA PRO A 259 -28.25 6.53 11.47
C PRO A 259 -27.29 5.48 10.92
N ILE A 260 -27.08 5.49 9.61
CA ILE A 260 -26.16 4.59 8.95
C ILE A 260 -25.19 5.44 8.14
N ASP A 261 -23.94 5.51 8.57
CA ASP A 261 -22.93 6.35 7.93
C ASP A 261 -22.45 5.65 6.67
N TRP A 262 -22.96 6.07 5.51
CA TRP A 262 -22.59 5.45 4.25
C TRP A 262 -21.27 6.04 3.75
N SER A 263 -20.62 5.29 2.86
CA SER A 263 -19.38 5.72 2.23
C SER A 263 -19.13 4.88 0.99
N GLY A 264 -18.57 5.49 -0.04
CA GLY A 264 -18.28 4.79 -1.28
C GLY A 264 -16.82 4.44 -1.43
N ASP A 265 -15.97 5.02 -0.60
CA ASP A 265 -14.54 4.79 -0.65
C ASP A 265 -14.08 3.95 0.53
N MET A 266 -12.85 3.47 0.45
CA MET A 266 -12.27 2.69 1.53
C MET A 266 -11.95 3.60 2.71
N PRO A 267 -11.95 3.07 3.94
CA PRO A 267 -11.60 3.88 5.10
C PRO A 267 -10.14 4.32 5.06
N VAL A 268 -9.81 5.28 5.92
CA VAL A 268 -8.44 5.79 5.96
C VAL A 268 -7.48 4.75 6.54
N SER A 269 -7.97 3.89 7.43
CA SER A 269 -7.13 2.85 8.02
C SER A 269 -6.77 1.75 7.04
N CYS A 270 -7.30 1.78 5.82
CA CYS A 270 -6.97 0.76 4.83
C CYS A 270 -5.50 0.79 4.49
N SER A 271 -4.84 -0.36 4.62
CA SER A 271 -3.40 -0.47 4.38
C SER A 271 -3.06 -0.64 2.89
N LEU A 272 -4.05 -0.62 2.01
CA LEU A 272 -3.79 -0.70 0.58
C LEU A 272 -3.37 0.67 0.04
N SER A 273 -2.62 0.64 -1.06
CA SER A 273 -2.18 1.89 -1.68
C SER A 273 -3.37 2.63 -2.28
N ARG A 274 -3.22 3.95 -2.41
CA ARG A 274 -4.29 4.77 -2.97
C ARG A 274 -4.57 4.39 -4.42
N GLY A 275 -3.55 3.93 -5.15
CA GLY A 275 -3.76 3.50 -6.51
C GLY A 275 -4.53 2.20 -6.61
N LEU A 276 -4.44 1.35 -5.59
CA LEU A 276 -5.20 0.11 -5.59
C LEU A 276 -6.65 0.34 -5.16
N GLN A 277 -6.89 1.29 -4.26
CA GLN A 277 -8.26 1.60 -3.86
C GLN A 277 -9.08 2.15 -5.02
N VAL A 278 -8.45 2.93 -5.90
CA VAL A 278 -9.15 3.49 -7.05
C VAL A 278 -9.61 2.38 -7.99
N LEU A 279 -8.85 1.29 -8.10
CA LEU A 279 -9.22 0.17 -8.96
C LEU A 279 -10.10 -0.86 -8.25
N LEU A 280 -10.05 -0.92 -6.92
CA LEU A 280 -10.84 -1.89 -6.17
C LEU A 280 -12.24 -1.40 -5.85
N THR A 281 -12.41 -0.09 -5.66
CA THR A 281 -13.72 0.46 -5.29
C THR A 281 -14.80 0.17 -6.32
N PRO A 282 -14.61 0.42 -7.63
CA PRO A 282 -15.70 0.15 -8.57
C PRO A 282 -16.03 -1.32 -8.72
N VAL A 283 -15.06 -2.22 -8.45
CA VAL A 283 -15.34 -3.64 -8.52
C VAL A 283 -16.33 -4.06 -7.44
N LEU A 284 -16.15 -3.53 -6.22
CA LEU A 284 -17.02 -3.91 -5.12
C LEU A 284 -18.38 -3.21 -5.23
N ALA A 285 -18.39 -1.94 -5.62
CA ALA A 285 -19.64 -1.18 -5.65
C ALA A 285 -20.63 -1.75 -6.65
N ASN A 286 -20.14 -2.32 -7.76
CA ASN A 286 -21.02 -2.88 -8.77
C ASN A 286 -21.43 -4.32 -8.49
N ILE A 287 -20.90 -4.94 -7.44
CA ILE A 287 -21.31 -6.27 -7.02
C ILE A 287 -21.95 -6.26 -5.63
N LEU A 288 -22.30 -5.09 -5.12
CA LEU A 288 -22.90 -4.94 -3.80
C LEU A 288 -24.23 -4.18 -3.89
N GLU A 289 -25.13 -4.67 -4.73
CA GLU A 289 -26.48 -4.16 -4.81
C GLU A 289 -27.40 -5.26 -5.30
N ALA A 290 -28.63 -5.28 -4.76
CA ALA A 290 -29.54 -6.39 -5.01
C ALA A 290 -30.05 -6.43 -6.44
N ASP A 291 -29.91 -5.35 -7.20
CA ASP A 291 -30.45 -5.28 -8.56
C ASP A 291 -29.65 -6.19 -9.48
N GLN A 292 -30.28 -7.28 -9.93
CA GLN A 292 -29.70 -8.10 -10.98
C GLN A 292 -29.57 -7.32 -12.28
N GLU A 293 -30.41 -6.30 -12.48
CA GLU A 293 -30.26 -5.42 -13.62
C GLU A 293 -28.94 -4.66 -13.57
N LYS A 294 -28.44 -4.37 -12.37
CA LYS A 294 -27.21 -3.62 -12.18
C LYS A 294 -26.07 -4.49 -11.66
N CYS A 295 -26.27 -5.80 -11.60
CA CYS A 295 -25.21 -6.70 -11.18
C CYS A 295 -24.26 -6.97 -12.35
N TRP A 296 -22.99 -7.23 -12.02
CA TRP A 296 -21.97 -7.37 -13.05
C TRP A 296 -21.99 -8.75 -13.71
N GLY A 297 -22.09 -9.80 -12.90
CA GLY A 297 -21.91 -11.14 -13.40
C GLY A 297 -20.45 -11.54 -13.43
N PHE A 298 -20.21 -12.85 -13.53
CA PHE A 298 -18.84 -13.36 -13.43
C PHE A 298 -17.99 -12.93 -14.62
N ASP A 299 -18.58 -12.79 -15.80
CA ASP A 299 -17.80 -12.45 -16.98
C ASP A 299 -17.18 -11.05 -16.85
N GLN A 300 -18.00 -10.05 -16.51
CA GLN A 300 -17.46 -8.72 -16.27
C GLN A 300 -16.63 -8.68 -14.99
N PHE A 301 -16.93 -9.54 -14.02
CA PHE A 301 -16.13 -9.61 -12.81
C PHE A 301 -14.76 -10.20 -13.09
N PHE A 302 -14.72 -11.35 -13.78
CA PHE A 302 -13.45 -11.99 -14.11
C PHE A 302 -12.61 -11.13 -15.04
N ALA A 303 -13.25 -10.34 -15.89
CA ALA A 303 -12.50 -9.48 -16.82
C ALA A 303 -11.84 -8.33 -16.10
N GLU A 304 -12.59 -7.63 -15.24
CA GLU A 304 -12.03 -6.46 -14.55
C GLU A 304 -11.02 -6.88 -13.48
N THR A 305 -11.23 -8.04 -12.85
CA THR A 305 -10.26 -8.51 -11.87
C THR A 305 -8.97 -8.95 -12.54
N SER A 306 -9.08 -9.61 -13.70
CA SER A 306 -7.88 -9.97 -14.45
C SER A 306 -7.13 -8.74 -14.93
N ASP A 307 -7.85 -7.64 -15.16
CA ASP A 307 -7.21 -6.39 -15.55
C ASP A 307 -6.34 -5.84 -14.42
N ILE A 308 -6.76 -6.03 -13.17
CA ILE A 308 -6.00 -5.53 -12.04
C ILE A 308 -4.76 -6.39 -11.80
N LEU A 309 -4.90 -7.72 -11.89
CA LEU A 309 -3.79 -8.61 -11.60
C LEU A 309 -2.70 -8.57 -12.67
N HIS A 310 -3.04 -8.18 -13.89
CA HIS A 310 -2.07 -8.11 -14.98
C HIS A 310 -1.29 -6.80 -14.99
N ARG A 311 -1.43 -5.96 -13.97
CA ARG A 311 -0.75 -4.68 -13.90
C ARG A 311 0.48 -4.78 -13.01
N MET A 312 1.58 -4.20 -13.47
CA MET A 312 2.79 -4.10 -12.67
C MET A 312 2.76 -2.83 -11.83
N VAL A 313 3.64 -2.77 -10.83
CA VAL A 313 3.68 -1.68 -9.87
C VAL A 313 4.89 -0.81 -10.16
N ILE A 314 4.67 0.49 -10.21
CA ILE A 314 5.75 1.48 -10.36
C ILE A 314 5.70 2.38 -9.12
N HIS A 315 6.71 2.26 -8.27
CA HIS A 315 6.76 3.04 -7.04
C HIS A 315 7.20 4.46 -7.36
N VAL A 316 6.40 5.44 -6.94
CA VAL A 316 6.65 6.85 -7.20
C VAL A 316 6.44 7.60 -5.89
N PHE A 317 7.43 8.41 -5.51
CA PHE A 317 7.37 9.20 -4.28
C PHE A 317 7.36 10.68 -4.65
N SER A 318 6.26 11.37 -4.34
CA SER A 318 6.16 12.80 -4.59
C SER A 318 7.03 13.54 -3.57
N LEU A 319 8.18 14.05 -4.03
CA LEU A 319 9.14 14.66 -3.11
C LEU A 319 8.63 16.00 -2.58
N GLN A 320 7.85 16.73 -3.37
CA GLN A 320 7.36 18.04 -2.92
C GLN A 320 6.14 17.90 -2.03
N GLN A 321 5.37 16.83 -2.18
CA GLN A 321 4.20 16.58 -1.34
C GLN A 321 4.51 15.63 -0.19
N MET A 322 5.67 14.99 -0.19
CA MET A 322 6.05 13.99 0.82
C MET A 322 5.00 12.89 0.93
N THR A 323 4.65 12.32 -0.22
CA THR A 323 3.66 11.26 -0.32
C THR A 323 4.19 10.16 -1.21
N ALA A 324 4.06 8.92 -0.77
CA ALA A 324 4.42 7.76 -1.57
C ALA A 324 3.19 7.20 -2.26
N HIS A 325 3.39 6.69 -3.48
CA HIS A 325 2.29 6.21 -4.30
C HIS A 325 2.69 4.92 -5.00
N LYS A 326 1.69 4.24 -5.54
CA LYS A 326 1.90 3.02 -6.32
C LYS A 326 1.03 3.11 -7.56
N ILE A 327 1.65 3.15 -8.73
CA ILE A 327 0.93 3.27 -10.00
C ILE A 327 0.73 1.86 -10.55
N TYR A 328 -0.53 1.42 -10.59
CA TYR A 328 -0.88 0.13 -11.17
C TYR A 328 -1.10 0.32 -12.67
N ILE A 329 -0.11 -0.05 -13.47
CA ILE A 329 -0.12 0.15 -14.90
C ILE A 329 0.25 -1.16 -15.58
N HIS A 330 -0.44 -1.47 -16.69
CA HIS A 330 -0.11 -2.66 -17.45
C HIS A 330 1.29 -2.55 -18.04
N SER A 331 1.90 -3.70 -18.28
CA SER A 331 3.26 -3.73 -18.81
C SER A 331 3.35 -3.29 -20.26
N TYR A 332 2.23 -3.21 -20.97
CA TYR A 332 2.23 -2.80 -22.37
C TYR A 332 1.80 -1.35 -22.57
N ASN A 333 1.42 -0.65 -21.50
CA ASN A 333 1.05 0.75 -21.65
C ASN A 333 2.30 1.62 -21.83
N THR A 334 2.08 2.79 -22.42
CA THR A 334 3.16 3.74 -22.67
C THR A 334 3.37 4.63 -21.44
N ALA A 335 4.45 5.42 -21.49
CA ALA A 335 4.73 6.33 -20.39
C ALA A 335 3.76 7.51 -20.36
N THR A 336 3.08 7.79 -21.47
CA THR A 336 2.07 8.84 -21.47
C THR A 336 0.92 8.47 -20.53
N ILE A 337 0.45 7.22 -20.61
CA ILE A 337 -0.56 6.75 -19.67
C ILE A 337 0.00 6.70 -18.26
N PHE A 338 1.30 6.46 -18.13
CA PHE A 338 1.92 6.47 -16.80
C PHE A 338 1.85 7.85 -16.17
N HIS A 339 2.18 8.89 -16.93
CA HIS A 339 2.06 10.26 -16.42
C HIS A 339 0.61 10.61 -16.12
N GLU A 340 -0.33 10.03 -16.87
CA GLU A 340 -1.74 10.27 -16.58
C GLU A 340 -2.12 9.71 -15.20
N LEU A 341 -1.66 8.50 -14.89
CA LEU A 341 -1.97 7.90 -13.60
C LEU A 341 -1.28 8.63 -12.45
N VAL A 342 -0.10 9.20 -12.72
CA VAL A 342 0.58 10.01 -11.70
C VAL A 342 -0.19 11.29 -11.44
N TYR A 343 -0.79 11.87 -12.49
CA TYR A 343 -1.60 13.07 -12.31
C TYR A 343 -2.87 12.77 -11.52
N LYS A 344 -3.54 11.67 -11.84
CA LYS A 344 -4.77 11.30 -11.12
C LYS A 344 -4.53 10.95 -9.67
N GLN A 345 -3.27 10.79 -9.26
CA GLN A 345 -2.93 10.48 -7.88
C GLN A 345 -2.15 11.57 -7.17
N THR A 346 -1.55 12.50 -7.92
CA THR A 346 -0.78 13.59 -7.33
C THR A 346 -1.19 14.98 -7.80
N LYS A 347 -2.10 15.09 -8.78
CA LYS A 347 -2.53 16.37 -9.34
C LYS A 347 -1.37 17.17 -9.93
N ILE A 348 -0.34 16.47 -10.42
CA ILE A 348 0.81 17.09 -11.06
C ILE A 348 0.63 16.97 -12.57
N ILE A 349 0.79 18.09 -13.27
CA ILE A 349 0.61 18.11 -14.72
C ILE A 349 1.68 17.23 -15.37
N SER A 350 1.28 16.50 -16.42
CA SER A 350 2.18 15.53 -17.03
C SER A 350 3.44 16.19 -17.59
N SER A 351 3.29 17.37 -18.19
CA SER A 351 4.45 18.05 -18.76
C SER A 351 5.40 18.56 -17.69
N ASN A 352 4.90 18.81 -16.48
CA ASN A 352 5.71 19.32 -15.40
C ASN A 352 6.34 18.23 -14.54
N GLN A 353 6.04 16.96 -14.83
CA GLN A 353 6.58 15.85 -14.05
C GLN A 353 8.04 15.64 -14.41
N GLU A 354 8.94 15.97 -13.50
CA GLU A 354 10.38 15.75 -13.67
C GLU A 354 10.80 14.63 -12.72
N LEU A 355 11.33 13.55 -13.27
CA LEU A 355 11.53 12.31 -12.54
C LEU A 355 13.01 12.10 -12.24
N ILE A 356 13.29 11.55 -11.05
CA ILE A 356 14.64 11.26 -10.59
C ILE A 356 14.71 9.80 -10.19
N TYR A 357 15.84 9.15 -10.48
CA TYR A 357 16.01 7.75 -10.14
C TYR A 357 17.50 7.46 -9.96
N GLU A 358 17.86 6.92 -8.80
CA GLU A 358 19.23 6.54 -8.47
C GLU A 358 20.20 7.70 -8.65
N GLY A 359 19.82 8.85 -8.10
CA GLY A 359 20.72 10.00 -8.08
C GLY A 359 20.92 10.69 -9.41
N ARG A 360 20.07 10.40 -10.41
CA ARG A 360 20.18 11.02 -11.71
C ARG A 360 18.79 11.33 -12.23
N ARG A 361 18.74 12.28 -13.17
CA ARG A 361 17.48 12.61 -13.83
C ARG A 361 17.00 11.43 -14.68
N LEU A 362 15.69 11.39 -14.90
CA LEU A 362 15.05 10.31 -15.64
C LEU A 362 14.09 10.92 -16.65
N VAL A 363 14.35 10.67 -17.94
CA VAL A 363 13.50 11.14 -19.02
C VAL A 363 12.75 9.94 -19.58
N LEU A 364 11.42 9.98 -19.51
CA LEU A 364 10.58 8.90 -20.00
C LEU A 364 10.05 9.26 -21.39
N GLU A 365 10.39 8.44 -22.38
CA GLU A 365 9.86 8.64 -23.72
C GLU A 365 8.36 8.37 -23.71
N PRO A 366 7.56 9.19 -24.40
CA PRO A 366 6.10 9.01 -24.36
C PRO A 366 5.63 7.67 -24.89
N GLY A 367 6.47 6.94 -25.61
CA GLY A 367 6.08 5.65 -26.15
C GLY A 367 6.79 4.48 -25.48
N ARG A 368 7.63 4.77 -24.50
CA ARG A 368 8.38 3.73 -23.80
C ARG A 368 7.43 2.90 -22.95
N LEU A 369 7.44 1.59 -23.17
CA LEU A 369 6.52 0.70 -22.48
C LEU A 369 6.85 0.63 -20.98
N ALA A 370 5.86 0.21 -20.20
CA ALA A 370 6.03 0.18 -18.76
C ALA A 370 6.91 -0.98 -18.31
N GLN A 371 6.94 -2.08 -19.07
CA GLN A 371 7.79 -3.20 -18.71
C GLN A 371 9.27 -2.92 -18.90
N HIS A 372 9.62 -1.85 -19.61
CA HIS A 372 11.00 -1.44 -19.79
C HIS A 372 11.43 -0.37 -18.81
N PHE A 373 10.54 0.07 -17.91
CA PHE A 373 10.91 1.00 -16.87
C PHE A 373 11.87 0.34 -15.90
N PRO A 374 12.68 1.13 -15.20
CA PRO A 374 13.57 0.54 -14.18
C PRO A 374 12.77 -0.03 -13.02
N LYS A 375 13.21 -1.18 -12.53
CA LYS A 375 12.53 -1.85 -11.43
C LYS A 375 12.62 -1.00 -10.17
N THR A 376 11.49 -0.80 -9.51
CA THR A 376 11.39 0.05 -8.34
C THR A 376 10.83 -0.71 -7.15
N THR A 377 11.20 -0.27 -5.95
CA THR A 377 10.70 -0.82 -4.70
C THR A 377 10.16 0.32 -3.85
N GLU A 378 9.59 -0.03 -2.69
CA GLU A 378 9.12 0.98 -1.76
C GLU A 378 10.26 1.82 -1.21
N GLU A 379 11.48 1.28 -1.18
CA GLU A 379 12.64 1.97 -0.65
C GLU A 379 13.52 2.58 -1.74
N ASN A 380 13.19 2.35 -3.01
CA ASN A 380 13.94 2.92 -4.13
C ASN A 380 12.95 3.25 -5.25
N PRO A 381 12.14 4.30 -5.08
CA PRO A 381 11.13 4.63 -6.08
C PRO A 381 11.63 5.60 -7.14
N ILE A 382 10.70 6.15 -7.92
CA ILE A 382 11.00 7.19 -8.89
C ILE A 382 10.46 8.50 -8.32
N PHE A 383 11.36 9.35 -7.83
CA PHE A 383 10.96 10.62 -7.25
C PHE A 383 10.46 11.55 -8.34
N VAL A 384 9.30 12.16 -8.10
CA VAL A 384 8.70 13.11 -9.04
C VAL A 384 8.73 14.50 -8.42
N VAL A 385 9.25 15.46 -9.16
CA VAL A 385 9.27 16.87 -8.75
C VAL A 385 8.69 17.69 -9.88
N SER A 386 8.10 18.83 -9.51
CA SER A 386 7.47 19.72 -10.48
C SER A 386 7.93 21.14 -10.26
N ARG A 387 7.93 21.92 -11.35
CA ARG A 387 8.34 23.32 -11.24
C ARG A 387 7.26 24.17 -10.59
N GLU A 388 6.00 23.76 -10.69
CA GLU A 388 4.93 24.49 -10.03
C GLU A 388 4.98 24.25 -8.53
N PRO A 389 4.59 25.24 -7.73
CA PRO A 389 4.57 25.05 -6.27
C PRO A 389 3.48 24.08 -5.86
N LEU A 390 3.84 23.09 -5.04
CA LEU A 390 2.92 22.07 -4.57
C LEU A 390 2.78 22.16 -3.06
N ASN A 391 1.58 21.89 -2.57
CA ASN A 391 1.34 21.90 -1.14
C ASN A 391 1.98 20.67 -0.49
N THR A 392 2.62 20.89 0.65
CA THR A 392 3.28 19.81 1.39
C THR A 392 2.26 19.20 2.35
N ILE A 393 1.80 18.00 2.02
CA ILE A 393 0.76 17.33 2.79
C ILE A 393 1.34 16.32 3.77
N GLY A 394 2.15 15.39 3.28
CA GLY A 394 2.69 14.34 4.14
C GLY A 394 1.80 13.11 4.14
N LEU A 395 1.87 12.33 5.21
CA LEU A 395 1.07 11.12 5.32
C LEU A 395 -0.26 11.42 6.02
N ILE A 396 -1.34 10.88 5.45
CA ILE A 396 -2.68 11.02 6.00
C ILE A 396 -3.09 9.67 6.58
N TYR A 397 -3.37 9.63 7.88
CA TYR A 397 -3.75 8.40 8.54
C TYR A 397 -4.85 8.68 9.57
N GLU A 398 -5.59 7.63 9.91
CA GLU A 398 -6.65 7.73 10.90
C GLU A 398 -6.04 7.82 12.29
N LYS A 399 -6.38 8.89 13.03
CA LYS A 399 -5.85 9.11 14.37
C LYS A 399 -6.77 8.40 15.37
N ILE A 400 -6.32 7.26 15.87
CA ILE A 400 -7.09 6.44 16.79
C ILE A 400 -6.43 6.47 18.16
N SER A 401 -7.25 6.41 19.20
CA SER A 401 -6.79 6.39 20.58
C SER A 401 -7.03 5.02 21.20
N LEU A 402 -6.47 4.83 22.39
CA LEU A 402 -6.61 3.55 23.09
C LEU A 402 -8.01 3.43 23.68
N PRO A 403 -8.72 2.33 23.42
CA PRO A 403 -9.99 2.12 24.12
C PRO A 403 -9.76 1.78 25.58
N LYS A 404 -10.64 2.26 26.44
CA LYS A 404 -10.50 2.03 27.87
C LYS A 404 -10.65 0.56 28.21
N VAL A 405 -9.90 0.12 29.20
CA VAL A 405 -9.92 -1.27 29.65
C VAL A 405 -10.89 -1.39 30.81
N HIS A 406 -11.78 -2.41 30.75
CA HIS A 406 -12.75 -2.60 31.81
C HIS A 406 -12.19 -3.49 32.92
N PRO A 407 -12.55 -3.23 34.18
CA PRO A 407 -12.07 -4.08 35.28
C PRO A 407 -12.84 -5.39 35.42
N ARG A 408 -13.91 -5.59 34.65
CA ARG A 408 -14.70 -6.80 34.76
C ARG A 408 -13.89 -8.01 34.29
N TYR A 409 -13.83 -9.04 35.13
CA TYR A 409 -13.16 -10.28 34.79
C TYR A 409 -14.09 -11.09 33.88
N ASP A 410 -13.96 -10.89 32.58
CA ASP A 410 -14.77 -11.57 31.59
C ASP A 410 -13.84 -12.17 30.54
N LEU A 411 -13.82 -13.51 30.46
CA LEU A 411 -12.94 -14.18 29.51
C LEU A 411 -13.26 -13.78 28.07
N ASP A 412 -14.55 -13.61 27.76
CA ASP A 412 -14.93 -13.17 26.42
C ASP A 412 -14.72 -11.68 26.25
N GLY A 413 -14.96 -10.90 27.30
CA GLY A 413 -14.76 -9.46 27.22
C GLY A 413 -13.30 -9.08 27.10
N ASP A 414 -12.44 -9.72 27.91
CA ASP A 414 -11.01 -9.43 27.84
C ASP A 414 -10.41 -9.90 26.52
N ALA A 415 -10.96 -10.96 25.92
CA ALA A 415 -10.45 -11.44 24.64
C ALA A 415 -10.78 -10.44 23.53
N SER A 416 -12.04 -10.00 23.45
CA SER A 416 -12.41 -9.01 22.45
C SER A 416 -11.75 -7.67 22.72
N MET A 417 -11.47 -7.36 23.98
CA MET A 417 -10.78 -6.12 24.30
C MET A 417 -9.30 -6.20 23.92
N ALA A 418 -8.66 -7.34 24.19
CA ALA A 418 -7.25 -7.49 23.85
C ALA A 418 -7.03 -7.50 22.34
N LYS A 419 -8.00 -8.01 21.57
CA LYS A 419 -7.86 -8.03 20.12
C LYS A 419 -7.89 -6.63 19.54
N ALA A 420 -8.81 -5.78 20.02
CA ALA A 420 -8.92 -4.44 19.48
C ALA A 420 -7.73 -3.57 19.87
N ILE A 421 -7.29 -3.66 21.12
CA ILE A 421 -6.21 -2.79 21.59
C ILE A 421 -4.88 -3.19 20.98
N THR A 422 -4.69 -4.48 20.67
CA THR A 422 -3.45 -4.91 20.04
C THR A 422 -3.41 -4.53 18.56
N GLY A 423 -4.57 -4.55 17.90
CA GLY A 423 -4.62 -4.08 16.52
C GLY A 423 -4.38 -2.59 16.39
N VAL A 424 -4.73 -1.83 17.44
CA VAL A 424 -4.45 -0.40 17.44
C VAL A 424 -2.94 -0.16 17.49
N VAL A 425 -2.23 -0.92 18.32
CA VAL A 425 -0.78 -0.77 18.40
C VAL A 425 -0.13 -1.22 17.10
N CYS A 426 -0.67 -2.25 16.45
CA CYS A 426 -0.18 -2.64 15.13
C CYS A 426 -0.36 -1.50 14.13
N TYR A 427 -1.50 -0.80 14.21
CA TYR A 427 -1.71 0.34 13.31
C TYR A 427 -0.74 1.47 13.64
N ALA A 428 -0.52 1.76 14.91
CA ALA A 428 0.46 2.77 15.30
C ALA A 428 1.87 2.31 14.96
N CYS A 429 2.14 1.00 15.03
CA CYS A 429 3.44 0.49 14.61
C CYS A 429 3.57 0.51 13.09
N ARG A 430 2.45 0.34 12.38
CA ARG A 430 2.47 0.45 10.92
C ARG A 430 2.73 1.89 10.48
N ILE A 431 2.03 2.84 11.07
CA ILE A 431 2.21 4.25 10.72
C ILE A 431 3.61 4.71 11.11
N ALA A 432 4.15 4.21 12.22
CA ALA A 432 5.49 4.61 12.64
C ALA A 432 6.54 4.23 11.60
N SER A 433 6.46 3.00 11.08
CA SER A 433 7.39 2.58 10.05
C SER A 433 7.17 3.33 8.75
N THR A 434 5.92 3.71 8.47
CA THR A 434 5.65 4.49 7.26
C THR A 434 6.19 5.91 7.39
N LEU A 435 6.07 6.51 8.57
CA LEU A 435 6.64 7.83 8.79
C LEU A 435 8.16 7.80 8.74
N LEU A 436 8.76 6.69 9.20
CA LEU A 436 10.22 6.55 9.10
C LEU A 436 10.64 6.40 7.64
N LEU A 437 9.90 5.62 6.86
CA LEU A 437 10.21 5.46 5.44
C LEU A 437 10.07 6.79 4.69
N TYR A 438 9.05 7.57 5.04
CA TYR A 438 8.86 8.86 4.37
C TYR A 438 10.03 9.80 4.62
N GLN A 439 10.56 9.80 5.84
CA GLN A 439 11.69 10.68 6.14
C GLN A 439 12.97 10.18 5.47
N GLU A 440 13.19 8.86 5.47
CA GLU A 440 14.38 8.32 4.82
C GLU A 440 14.31 8.49 3.31
N LEU A 441 13.12 8.32 2.72
CA LEU A 441 12.96 8.63 1.31
C LEU A 441 13.09 10.12 1.04
N MET A 442 12.71 10.95 2.02
CA MET A 442 12.85 12.39 1.86
C MET A 442 14.31 12.81 1.82
N ARG A 443 15.14 12.21 2.67
CA ARG A 443 16.55 12.57 2.72
C ARG A 443 17.27 12.19 1.44
N LYS A 444 16.98 11.00 0.91
CA LYS A 444 17.61 10.58 -0.34
C LYS A 444 17.15 11.45 -1.51
N GLY A 445 15.85 11.76 -1.56
CA GLY A 445 15.35 12.61 -2.63
C GLY A 445 15.91 14.02 -2.58
N ILE A 446 16.10 14.55 -1.38
CA ILE A 446 16.69 15.88 -1.25
C ILE A 446 18.18 15.84 -1.55
N ARG A 447 18.88 14.81 -1.04
CA ARG A 447 20.30 14.68 -1.32
C ARG A 447 20.57 14.44 -2.79
N TRP A 448 19.60 13.84 -3.51
CA TRP A 448 19.75 13.67 -4.95
C TRP A 448 19.41 14.95 -5.71
N LEU A 449 18.35 15.64 -5.30
CA LEU A 449 17.89 16.82 -6.03
C LEU A 449 18.92 17.93 -5.99
N ILE A 450 19.63 18.08 -4.87
CA ILE A 450 20.68 19.11 -4.80
C ILE A 450 21.82 18.77 -5.76
N GLU A 451 22.09 17.48 -5.98
CA GLU A 451 23.10 17.11 -6.96
C GLU A 451 22.61 17.30 -8.37
N LEU A 452 21.30 17.10 -8.61
CA LEU A 452 20.75 17.36 -9.93
C LEU A 452 20.75 18.85 -10.24
N ILE A 453 20.53 19.70 -9.23
CA ILE A 453 20.62 21.13 -9.42
C ILE A 453 22.06 21.55 -9.67
N LYS A 454 23.00 20.96 -8.93
CA LYS A 454 24.41 21.23 -9.17
C LYS A 454 24.86 20.74 -10.54
N ASP A 455 24.15 19.77 -11.14
CA ASP A 455 24.43 19.39 -12.51
C ASP A 455 23.92 20.43 -13.49
N ASP A 456 22.75 20.99 -13.24
CA ASP A 456 22.24 22.08 -14.06
C ASP A 456 23.11 23.33 -13.93
N TYR A 457 23.69 23.55 -12.75
CA TYR A 457 24.59 24.68 -12.56
C TYR A 457 25.90 24.47 -13.33
N ASN A 458 26.42 23.25 -13.33
CA ASN A 458 27.67 22.98 -14.04
C ASN A 458 27.49 23.05 -15.55
N GLU A 459 26.31 22.66 -16.05
CA GLU A 459 26.05 22.81 -17.48
C GLU A 459 25.94 24.28 -17.88
N THR A 460 25.45 25.13 -16.98
CA THR A 460 25.44 26.56 -17.25
C THR A 460 26.84 27.13 -17.34
N VAL A 461 27.78 26.59 -16.56
CA VAL A 461 29.16 27.03 -16.63
C VAL A 461 29.77 26.65 -17.99
N HIS A 462 29.38 25.49 -18.52
CA HIS A 462 29.87 25.09 -19.84
C HIS A 462 29.40 26.07 -20.91
N LYS A 463 28.12 26.44 -20.88
CA LYS A 463 27.63 27.43 -21.83
C LYS A 463 28.16 28.83 -21.54
N LYS A 464 28.56 29.10 -20.29
CA LYS A 464 29.18 30.39 -20.00
C LYS A 464 30.57 30.49 -20.61
N THR A 465 31.38 29.43 -20.48
CA THR A 465 32.72 29.44 -21.07
C THR A 465 32.65 29.53 -22.59
N GLU A 466 31.58 29.00 -23.21
CA GLU A 466 31.42 29.14 -24.65
C GLU A 466 31.12 30.58 -25.04
N VAL A 467 30.42 31.32 -24.18
CA VAL A 467 30.12 32.72 -24.48
C VAL A 467 31.31 33.61 -24.14
N VAL A 468 32.01 33.31 -23.05
CA VAL A 468 33.17 34.12 -22.66
C VAL A 468 34.27 34.01 -23.71
N ILE A 469 34.53 32.80 -24.21
CA ILE A 469 35.56 32.62 -25.24
C ILE A 469 35.14 33.33 -26.52
N THR A 470 33.87 33.21 -26.90
CA THR A 470 33.38 33.92 -28.08
C THR A 470 33.40 35.43 -27.87
N LEU A 471 33.09 35.88 -26.66
CA LEU A 471 33.10 37.31 -26.36
C LEU A 471 34.51 37.88 -26.51
N ASP A 472 35.49 37.26 -25.85
CA ASP A 472 36.84 37.80 -25.86
C ASP A 472 37.47 37.72 -27.25
N PHE A 473 37.25 36.60 -27.95
CA PHE A 473 37.84 36.44 -29.29
C PHE A 473 37.12 37.28 -30.34
N CYS A 474 36.03 37.94 -29.99
CA CYS A 474 35.34 38.86 -30.89
C CYS A 474 35.44 40.32 -30.48
N ILE A 475 35.52 40.60 -29.18
CA ILE A 475 35.67 41.98 -28.75
C ILE A 475 37.11 42.46 -28.96
N ARG A 476 38.08 41.55 -28.92
CA ARG A 476 39.48 41.91 -29.14
C ARG A 476 39.90 41.79 -30.59
N ASN A 477 39.26 40.90 -31.36
CA ASN A 477 39.53 40.83 -32.80
C ASN A 477 39.12 42.11 -33.51
N ILE A 478 38.18 42.87 -32.93
CA ILE A 478 37.85 44.17 -33.47
C ILE A 478 38.90 45.20 -33.09
N GLU A 479 39.42 45.13 -31.86
CA GLU A 479 40.47 46.05 -31.43
C GLU A 479 41.71 45.94 -32.31
N LYS A 480 41.98 44.73 -32.82
CA LYS A 480 43.14 44.55 -33.70
C LYS A 480 42.96 45.31 -35.01
N THR A 481 41.79 45.18 -35.63
CA THR A 481 41.55 45.85 -36.91
C THR A 481 41.43 47.36 -36.75
N VAL A 482 40.93 47.83 -35.61
CA VAL A 482 40.80 49.26 -35.35
C VAL A 482 42.18 49.88 -35.18
N GLU A 497 31.60 56.93 -40.19
CA GLU A 497 32.35 55.84 -40.79
C GLU A 497 32.96 54.95 -39.72
N LEU A 498 33.05 55.50 -38.50
CA LEU A 498 33.42 54.72 -37.32
C LEU A 498 32.25 54.40 -36.41
N GLY A 499 31.08 55.00 -36.66
CA GLY A 499 29.89 54.64 -35.90
C GLY A 499 29.51 53.18 -36.08
N GLU A 500 29.93 52.57 -37.19
CA GLU A 500 29.75 51.14 -37.37
C GLU A 500 30.60 50.33 -36.41
N ILE A 501 31.65 50.92 -35.84
CA ILE A 501 32.51 50.26 -34.87
C ILE A 501 32.18 50.68 -33.44
N SER A 502 31.97 51.99 -33.23
CA SER A 502 31.67 52.47 -31.88
C SER A 502 30.33 51.93 -31.38
N ASP A 503 29.38 51.68 -32.28
CA ASP A 503 28.12 51.08 -31.85
C ASP A 503 28.30 49.64 -31.41
N ILE A 504 29.35 48.96 -31.90
CA ILE A 504 29.58 47.58 -31.49
C ILE A 504 30.11 47.53 -30.07
N HIS A 505 31.07 48.40 -29.74
CA HIS A 505 31.62 48.43 -28.39
C HIS A 505 30.59 48.86 -27.37
N THR A 506 29.72 49.81 -27.74
CA THR A 506 28.60 50.15 -26.86
C THR A 506 27.60 49.01 -26.74
N LYS A 507 27.68 48.01 -27.60
CA LYS A 507 26.87 46.79 -27.49
C LYS A 507 27.66 45.60 -26.98
N LEU A 508 28.96 45.53 -27.28
CA LEU A 508 29.78 44.44 -26.75
C LEU A 508 30.05 44.62 -25.26
N LEU A 509 30.29 45.87 -24.83
CA LEU A 509 30.53 46.11 -23.41
C LEU A 509 29.25 45.94 -22.60
N ARG A 510 28.08 46.15 -23.22
CA ARG A 510 26.83 45.83 -22.53
C ARG A 510 26.65 44.33 -22.37
N LEU A 511 27.17 43.55 -23.32
CA LEU A 511 27.08 42.09 -23.19
C LEU A 511 28.02 41.58 -22.12
N SER A 512 29.27 42.06 -22.12
CA SER A 512 30.24 41.62 -21.10
C SER A 512 29.82 42.07 -19.71
N SER A 513 29.09 43.17 -19.61
CA SER A 513 28.61 43.63 -18.30
C SER A 513 27.44 42.78 -17.82
N SER A 514 26.47 42.53 -18.69
CA SER A 514 25.34 41.68 -18.32
C SER A 514 25.77 40.24 -18.13
N GLN A 515 26.75 39.77 -18.90
CA GLN A 515 27.30 38.44 -18.69
C GLN A 515 28.02 38.34 -17.35
N GLY A 516 28.68 39.43 -16.92
CA GLY A 516 29.32 39.43 -15.62
C GLY A 516 28.32 39.37 -14.47
N THR A 517 27.16 40.03 -14.64
CA THR A 517 26.13 39.95 -13.62
C THR A 517 25.59 38.54 -13.49
N ILE A 518 25.59 37.77 -14.57
CA ILE A 518 25.23 36.36 -14.49
C ILE A 518 26.28 35.59 -13.68
N GLU A 519 27.56 35.92 -13.89
CA GLU A 519 28.63 35.25 -13.16
C GLU A 519 28.52 35.50 -11.65
N THR A 520 28.23 36.75 -11.27
CA THR A 520 28.09 37.06 -9.85
C THR A 520 26.87 36.36 -9.25
N SER A 521 25.75 36.35 -9.98
CA SER A 521 24.55 35.67 -9.51
C SER A 521 24.64 34.15 -9.65
N LEU A 522 25.61 33.63 -10.41
CA LEU A 522 25.83 32.20 -10.46
C LEU A 522 26.68 31.73 -9.28
N GLN A 523 27.79 32.41 -9.03
CA GLN A 523 28.63 32.07 -7.88
C GLN A 523 27.89 32.25 -6.56
N ASP A 524 26.86 33.10 -6.53
CA ASP A 524 25.99 33.18 -5.37
C ASP A 524 25.22 31.87 -5.19
N ILE A 525 24.68 31.33 -6.27
CA ILE A 525 23.99 30.04 -6.20
C ILE A 525 24.98 28.94 -5.83
N ASP A 526 26.20 29.01 -6.36
CA ASP A 526 27.24 28.08 -5.94
C ASP A 526 27.52 28.21 -4.45
N SER A 527 27.40 29.42 -3.90
CA SER A 527 27.52 29.62 -2.47
C SER A 527 26.27 29.16 -1.73
N ARG A 528 25.12 29.08 -2.40
CA ARG A 528 23.91 28.57 -1.77
C ARG A 528 23.86 27.06 -1.77
N LEU A 529 24.42 26.41 -2.79
CA LEU A 529 24.48 24.96 -2.86
C LEU A 529 25.69 24.39 -2.12
N SER A 530 26.48 25.25 -1.48
CA SER A 530 27.61 24.81 -0.67
C SER A 530 27.13 24.39 0.72
N PRO A 531 27.94 23.62 1.45
CA PRO A 531 27.54 23.24 2.82
C PRO A 531 27.31 24.48 3.69
N GLY A 532 26.14 24.51 4.32
CA GLY A 532 25.79 25.63 5.17
C GLY A 532 25.43 26.90 4.43
N GLY A 533 25.04 26.79 3.17
CA GLY A 533 24.71 27.96 2.37
C GLY A 533 23.22 28.22 2.26
N SER A 534 22.51 28.14 3.38
CA SER A 534 21.07 28.42 3.45
C SER A 534 20.27 27.53 2.50
N LEU A 535 20.78 26.34 2.21
CA LEU A 535 20.06 25.38 1.37
C LEU A 535 20.67 23.99 1.52
N ALA A 536 21.51 23.80 2.53
CA ALA A 536 22.13 22.51 2.77
C ALA A 536 21.11 21.51 3.30
N ASP A 537 21.34 20.23 3.00
CA ASP A 537 20.49 19.15 3.46
C ASP A 537 20.89 18.61 4.82
N ALA A 538 21.64 19.40 5.60
CA ALA A 538 22.10 18.91 6.91
C ALA A 538 20.98 18.89 7.94
N TRP A 539 19.95 19.72 7.76
CA TRP A 539 18.85 19.74 8.70
C TRP A 539 18.03 18.46 8.64
N ALA A 540 17.96 17.82 7.48
CA ALA A 540 17.20 16.58 7.34
C ALA A 540 17.79 15.46 8.17
N HIS A 541 19.11 15.48 8.39
CA HIS A 541 19.78 14.49 9.22
C HIS A 541 19.68 14.82 10.71
N GLN A 542 19.20 16.01 11.07
CA GLN A 542 19.19 16.47 12.45
C GLN A 542 17.82 16.94 12.89
N GLU A 543 16.75 16.34 12.37
CA GLU A 543 15.41 16.79 12.73
C GLU A 543 14.49 15.64 13.11
N GLY A 544 14.01 14.89 12.12
CA GLY A 544 13.06 13.82 12.36
C GLY A 544 13.66 12.57 12.99
N THR A 545 13.00 11.43 12.83
CA THR A 545 13.48 10.18 13.37
C THR A 545 14.43 9.49 12.39
N HIS A 546 15.26 8.61 12.92
CA HIS A 546 16.23 7.85 12.14
C HIS A 546 16.18 6.39 12.53
N PRO A 547 16.62 5.49 11.66
CA PRO A 547 16.73 4.08 12.04
C PRO A 547 17.68 3.85 13.21
N LYS A 548 18.58 4.80 13.48
CA LYS A 548 19.45 4.68 14.66
C LYS A 548 18.65 4.79 15.95
N ASP A 549 17.58 5.59 15.95
CA ASP A 549 16.72 5.68 17.13
C ASP A 549 16.00 4.37 17.39
N ARG A 550 15.77 3.57 16.34
CA ARG A 550 15.15 2.25 16.44
C ARG A 550 13.76 2.36 17.07
N ASN A 551 12.97 3.33 16.61
CA ASN A 551 11.66 3.57 17.18
C ASN A 551 10.65 2.50 16.74
N VAL A 552 10.76 2.03 15.50
CA VAL A 552 9.82 1.02 15.00
C VAL A 552 9.97 -0.28 15.78
N GLU A 553 11.21 -0.61 16.16
CA GLU A 553 11.44 -1.84 16.91
C GLU A 553 11.10 -1.69 18.39
N LYS A 554 11.27 -0.49 18.95
CA LYS A 554 10.86 -0.24 20.33
C LYS A 554 9.36 -0.45 20.49
N LEU A 555 8.58 -0.01 19.51
CA LEU A 555 7.14 -0.27 19.54
C LEU A 555 6.84 -1.74 19.28
N GLN A 556 7.67 -2.40 18.47
CA GLN A 556 7.43 -3.80 18.14
C GLN A 556 7.75 -4.73 19.30
N VAL A 557 8.57 -4.28 20.25
CA VAL A 557 8.82 -5.08 21.45
C VAL A 557 7.57 -5.11 22.32
N LEU A 558 6.98 -3.93 22.56
CA LEU A 558 5.73 -3.88 23.31
C LEU A 558 4.60 -4.54 22.56
N LEU A 559 4.69 -4.61 21.22
CA LEU A 559 3.64 -5.24 20.43
C LEU A 559 3.64 -6.75 20.63
N ASN A 560 4.83 -7.37 20.67
CA ASN A 560 4.91 -8.81 20.88
C ASN A 560 4.41 -9.19 22.28
N CYS A 561 4.69 -8.34 23.27
CA CYS A 561 4.19 -8.61 24.62
C CYS A 561 2.66 -8.53 24.66
N MET A 562 2.08 -7.59 23.93
CA MET A 562 0.63 -7.49 23.89
C MET A 562 0.01 -8.61 23.06
N THR A 563 0.72 -9.09 22.04
CA THR A 563 0.21 -10.19 21.24
C THR A 563 0.24 -11.50 22.00
N GLU A 564 1.29 -11.73 22.79
CA GLU A 564 1.35 -12.94 23.60
C GLU A 564 0.27 -12.95 24.66
N ILE A 565 -0.02 -11.80 25.27
CA ILE A 565 -1.13 -11.72 26.22
C ILE A 565 -2.46 -11.92 25.50
N TYR A 566 -2.57 -11.39 24.28
CA TYR A 566 -3.78 -11.61 23.49
C TYR A 566 -3.96 -13.08 23.14
N TYR A 567 -2.89 -13.71 22.63
CA TYR A 567 -2.96 -15.13 22.32
C TYR A 567 -3.24 -15.96 23.55
N GLN A 568 -2.74 -15.53 24.71
CA GLN A 568 -3.06 -16.24 25.95
C GLN A 568 -4.51 -16.02 26.36
N PHE A 569 -5.00 -14.79 26.23
CA PHE A 569 -6.42 -14.54 26.49
C PHE A 569 -7.29 -15.26 25.47
N LYS A 570 -6.80 -15.44 24.24
CA LYS A 570 -7.53 -16.22 23.26
C LYS A 570 -7.62 -17.68 23.68
N LYS A 571 -6.58 -18.20 24.35
CA LYS A 571 -6.65 -19.54 24.91
C LYS A 571 -7.48 -19.58 26.19
N ASP A 572 -7.46 -18.50 26.98
CA ASP A 572 -8.27 -18.44 28.19
C ASP A 572 -9.75 -18.36 27.88
N LYS A 573 -10.13 -17.91 26.69
CA LYS A 573 -11.54 -17.87 26.32
C LYS A 573 -12.06 -19.26 25.94
N ALA A 574 -11.22 -20.07 25.30
CA ALA A 574 -11.61 -21.44 24.97
C ALA A 574 -11.93 -22.22 26.24
N GLU A 575 -11.08 -22.11 27.25
CA GLU A 575 -11.39 -22.68 28.56
C GLU A 575 -12.54 -21.90 29.18
N ARG A 576 -13.60 -22.62 29.57
CA ARG A 576 -14.78 -21.95 30.10
C ARG A 576 -14.49 -21.24 31.40
N ARG A 577 -13.62 -21.79 32.24
CA ARG A 577 -13.25 -21.16 33.49
C ARG A 577 -11.80 -21.48 33.81
N LEU A 578 -11.18 -20.62 34.60
CA LEU A 578 -9.79 -20.77 35.02
C LEU A 578 -9.73 -21.02 36.52
N ALA A 579 -8.65 -21.69 36.95
CA ALA A 579 -8.43 -21.91 38.37
C ALA A 579 -8.04 -20.59 39.04
N TYR A 580 -8.02 -20.63 40.39
CA TYR A 580 -7.69 -19.42 41.15
C TYR A 580 -6.30 -18.90 40.80
N ASN A 581 -5.35 -19.81 40.58
CA ASN A 581 -3.99 -19.39 40.24
C ASN A 581 -3.95 -18.76 38.84
N GLU A 582 -4.50 -19.46 37.85
CA GLU A 582 -4.53 -18.94 36.49
C GLU A 582 -5.43 -17.71 36.37
N GLU A 583 -6.39 -17.54 37.27
CA GLU A 583 -7.26 -16.37 37.21
C GLU A 583 -6.48 -15.09 37.50
N GLN A 584 -5.57 -15.13 38.48
CA GLN A 584 -4.82 -13.93 38.82
C GLN A 584 -3.76 -13.61 37.77
N ILE A 585 -3.24 -14.63 37.10
CA ILE A 585 -2.34 -14.38 35.98
C ILE A 585 -3.10 -13.72 34.83
N HIS A 586 -4.35 -14.11 34.61
CA HIS A 586 -5.18 -13.46 33.62
C HIS A 586 -5.47 -12.01 34.00
N LYS A 587 -5.57 -11.72 35.29
CA LYS A 587 -5.82 -10.35 35.74
C LYS A 587 -4.54 -9.53 35.77
N PHE A 588 -3.44 -10.13 36.20
CA PHE A 588 -2.18 -9.40 36.26
C PHE A 588 -1.69 -9.02 34.87
N ASP A 589 -1.73 -9.97 33.93
CA ASP A 589 -1.34 -9.67 32.56
C ASP A 589 -2.32 -8.73 31.87
N LYS A 590 -3.57 -8.68 32.34
CA LYS A 590 -4.52 -7.72 31.79
C LYS A 590 -4.12 -6.29 32.14
N GLN A 591 -3.59 -6.08 33.34
CA GLN A 591 -3.09 -4.75 33.71
C GLN A 591 -1.80 -4.43 32.97
N LYS A 592 -0.96 -5.44 32.75
CA LYS A 592 0.25 -5.23 31.96
C LYS A 592 -0.09 -4.91 30.50
N LEU A 593 -1.24 -5.40 30.02
CA LEU A 593 -1.68 -5.07 28.67
C LEU A 593 -1.97 -3.58 28.52
N TYR A 594 -2.42 -2.94 29.60
CA TYR A 594 -2.68 -1.51 29.55
C TYR A 594 -1.41 -0.69 29.67
N TYR A 595 -0.49 -1.11 30.54
CA TYR A 595 0.77 -0.39 30.68
C TYR A 595 1.64 -0.48 29.43
N HIS A 596 1.57 -1.61 28.72
CA HIS A 596 2.31 -1.73 27.47
C HIS A 596 1.72 -0.85 26.39
N ALA A 597 0.39 -0.78 26.30
CA ALA A 597 -0.24 0.08 25.31
C ALA A 597 -0.05 1.55 25.63
N THR A 598 -0.10 1.91 26.92
CA THR A 598 0.13 3.29 27.31
C THR A 598 1.57 3.70 27.05
N LYS A 599 2.53 2.81 27.34
CA LYS A 599 3.93 3.12 27.09
C LYS A 599 4.22 3.28 25.60
N ALA A 600 3.53 2.52 24.75
CA ALA A 600 3.77 2.61 23.31
C ALA A 600 3.18 3.88 22.72
N MET A 601 1.95 4.22 23.10
CA MET A 601 1.32 5.43 22.57
C MET A 601 2.04 6.69 23.02
N THR A 602 2.60 6.68 24.24
CA THR A 602 3.39 7.81 24.70
C THR A 602 4.66 7.97 23.86
N HIS A 603 5.36 6.87 23.62
CA HIS A 603 6.55 6.91 22.78
C HIS A 603 6.22 7.18 21.31
N PHE A 604 5.00 6.87 20.88
CA PHE A 604 4.62 7.10 19.48
C PHE A 604 4.33 8.58 19.23
N THR A 605 3.52 9.20 20.09
CA THR A 605 3.13 10.58 19.86
C THR A 605 4.21 11.56 20.29
N ASP A 606 4.83 11.32 21.45
CA ASP A 606 5.82 12.25 22.01
C ASP A 606 7.21 12.06 21.43
N GLU A 607 7.37 11.27 20.37
CA GLU A 607 8.68 11.05 19.79
C GLU A 607 8.59 10.86 18.28
N CYS A 608 7.79 9.90 17.83
CA CYS A 608 7.70 9.61 16.41
C CYS A 608 6.92 10.69 15.67
N VAL A 609 5.80 11.14 16.24
CA VAL A 609 4.97 12.12 15.57
C VAL A 609 5.55 13.52 15.70
N LYS A 610 6.07 13.86 16.88
CA LYS A 610 6.64 15.20 17.09
C LYS A 610 7.85 15.43 16.20
N LYS A 611 8.75 14.45 16.12
CA LYS A 611 9.91 14.58 15.23
C LYS A 611 9.49 14.57 13.77
N TYR A 612 8.41 13.84 13.43
CA TYR A 612 7.93 13.82 12.05
C TYR A 612 7.35 15.16 11.65
N GLU A 613 6.50 15.74 12.50
CA GLU A 613 5.89 17.02 12.18
C GLU A 613 6.90 18.16 12.22
N ALA A 614 7.97 18.00 13.01
CA ALA A 614 9.05 18.98 12.97
C ALA A 614 9.87 18.85 11.70
N PHE A 615 10.08 17.62 11.24
CA PHE A 615 10.75 17.41 9.97
C PHE A 615 9.88 17.84 8.80
N LEU A 616 8.57 17.59 8.90
CA LEU A 616 7.65 17.99 7.84
C LEU A 616 7.56 19.50 7.72
N ASN A 617 7.46 20.20 8.85
CA ASN A 617 7.39 21.66 8.82
C ASN A 617 8.68 22.26 8.28
N LYS A 618 9.83 21.67 8.64
CA LYS A 618 11.10 22.12 8.07
C LYS A 618 11.18 21.81 6.58
N SER A 619 10.54 20.75 6.13
CA SER A 619 10.58 20.39 4.72
C SER A 619 9.77 21.38 3.87
N GLU A 620 8.63 21.83 4.38
CA GLU A 620 7.80 22.77 3.63
C GLU A 620 8.53 24.08 3.39
N GLU A 621 9.39 24.50 4.32
CA GLU A 621 10.14 25.73 4.13
C GLU A 621 11.29 25.54 3.14
N TRP A 622 11.97 24.40 3.20
CA TRP A 622 13.09 24.15 2.29
C TRP A 622 12.60 23.96 0.87
N ILE A 623 11.38 23.48 0.68
CA ILE A 623 10.83 23.32 -0.67
C ILE A 623 10.65 24.68 -1.33
N ARG A 624 10.14 25.66 -0.59
CA ARG A 624 9.98 27.01 -1.14
C ARG A 624 11.34 27.59 -1.54
N LYS A 625 12.33 27.48 -0.65
CA LYS A 625 13.67 27.98 -0.96
C LYS A 625 14.29 27.23 -2.13
N MET A 626 13.95 25.95 -2.30
CA MET A 626 14.46 25.19 -3.43
C MET A 626 13.75 25.61 -4.72
N LEU A 627 12.44 25.79 -4.66
CA LEU A 627 11.70 26.27 -5.83
C LEU A 627 12.14 27.68 -6.23
N HIS A 628 12.57 28.48 -5.26
CA HIS A 628 13.04 29.83 -5.58
C HIS A 628 14.37 29.80 -6.29
N LEU A 629 15.27 28.90 -5.87
CA LEU A 629 16.59 28.83 -6.50
C LEU A 629 16.51 28.23 -7.90
N ARG A 630 15.60 27.28 -8.12
CA ARG A 630 15.45 26.71 -9.46
C ARG A 630 14.96 27.75 -10.46
N LYS A 631 14.10 28.67 -10.03
CA LYS A 631 13.61 29.70 -10.94
C LYS A 631 14.70 30.70 -11.30
N GLN A 632 15.64 30.95 -10.38
CA GLN A 632 16.75 31.85 -10.67
C GLN A 632 17.72 31.20 -11.64
N LEU A 633 18.10 29.95 -11.36
CA LEU A 633 19.05 29.25 -12.23
C LEU A 633 18.49 29.06 -13.63
N LEU A 634 17.18 28.82 -13.73
CA LEU A 634 16.55 28.70 -15.04
C LEU A 634 16.60 30.03 -15.79
N SER A 635 16.30 31.13 -15.08
CA SER A 635 16.39 32.45 -15.72
C SER A 635 17.82 32.79 -16.09
N LEU A 636 18.77 32.49 -15.19
CA LEU A 636 20.17 32.78 -15.48
C LEU A 636 20.67 31.95 -16.66
N THR A 637 20.22 30.69 -16.77
CA THR A 637 20.61 29.86 -17.90
C THR A 637 19.96 30.38 -19.18
N ASN A 638 18.70 30.80 -19.11
CA ASN A 638 18.04 31.40 -20.27
C ASN A 638 18.70 32.72 -20.65
N GLN A 639 19.22 33.46 -19.67
CA GLN A 639 19.98 34.66 -19.96
C GLN A 639 21.35 34.37 -20.57
N CYS A 640 21.75 33.10 -20.61
CA CYS A 640 22.98 32.69 -21.29
C CYS A 640 22.73 32.16 -22.69
N PHE A 641 21.52 31.67 -22.98
CA PHE A 641 21.20 31.20 -24.32
C PHE A 641 20.86 32.35 -25.26
N ASP A 642 20.07 33.31 -24.79
CA ASP A 642 19.68 34.43 -25.64
C ASP A 642 20.88 35.33 -25.96
N ILE A 643 21.83 35.46 -25.03
CA ILE A 643 23.04 36.22 -25.34
C ILE A 643 24.06 35.37 -26.09
N GLU A 644 23.95 34.04 -26.02
CA GLU A 644 24.77 33.18 -26.87
C GLU A 644 24.42 33.40 -28.34
N GLU A 645 23.16 33.70 -28.64
CA GLU A 645 22.75 34.04 -29.99
C GLU A 645 22.86 35.52 -30.29
N GLU A 646 22.88 36.38 -29.26
CA GLU A 646 23.11 37.79 -29.48
C GLU A 646 24.56 38.05 -29.92
N VAL A 647 25.50 37.28 -29.38
CA VAL A 647 26.88 37.35 -29.86
C VAL A 647 27.06 36.62 -31.18
N SER A 648 26.06 35.85 -31.61
CA SER A 648 26.10 35.23 -32.94
C SER A 648 25.71 36.21 -34.02
N LYS A 649 24.90 37.21 -33.70
CA LYS A 649 24.54 38.23 -34.68
C LYS A 649 25.66 39.23 -34.92
N TYR A 650 26.66 39.30 -34.03
CA TYR A 650 27.76 40.22 -34.18
C TYR A 650 29.08 39.55 -34.53
N GLN A 651 29.20 38.23 -34.30
CA GLN A 651 30.43 37.53 -34.67
C GLN A 651 30.56 37.41 -36.18
N GLU A 652 29.43 37.42 -36.91
CA GLU A 652 29.44 37.34 -38.36
C GLU A 652 29.11 38.66 -39.04
N TYR A 653 28.74 39.69 -38.28
CA TYR A 653 28.28 40.95 -38.85
C TYR A 653 29.45 41.76 -39.40
N THR A 654 30.13 42.52 -38.54
CA THR A 654 31.20 43.40 -38.98
C THR A 654 32.53 42.66 -39.14
N ASN A 655 32.73 41.57 -38.38
CA ASN A 655 33.97 40.81 -38.48
C ASN A 655 34.20 40.28 -39.90
N GLU A 656 33.15 40.19 -40.71
CA GLU A 656 33.24 39.69 -42.09
C GLU A 656 32.59 40.71 -43.01
N LEU A 657 33.37 41.70 -43.43
CA LEU A 657 32.89 42.69 -44.39
C LEU A 657 32.90 42.08 -45.79
N GLN A 658 32.53 42.90 -46.79
CA GLN A 658 32.47 42.45 -48.17
C GLN A 658 33.37 43.33 -49.03
N GLU A 659 34.27 42.69 -49.78
CA GLU A 659 35.18 43.39 -50.67
C GLU A 659 35.83 42.38 -51.61
N THR A 660 35.99 42.76 -52.87
CA THR A 660 36.64 41.89 -53.85
C THR A 660 38.16 41.94 -53.69
#